data_2B6G
#
_entry.id   2B6G
#
loop_
_entity.id
_entity.type
_entity.pdbx_description
1 polymer "5'-R(*GP*GP*AP*GP*GP*CP*UP*CP*UP*GP*GP*CP*AP*GP*CP*UP*UP*UP*C)-3'"
2 polymer Vts1p
#
loop_
_entity_poly.entity_id
_entity_poly.type
_entity_poly.pdbx_seq_one_letter_code
_entity_poly.pdbx_strand_id
1 'polyribonucleotide' GGAGGCUCUGGCAGCUUUC B
2 'polypeptide(L)'
;GSNVFNNTITHPNAGPTSATSTSTSSNGNTPLSSNSSMNPKSLTDPKLLKNIPMWLKSLRLHKYSDALSGTPWIELIYLD
DETLEKKGVLALGARRKLLKAFGIVIDYKERDLIDRSAY
;
A
#
# COMPACT_ATOMS: atom_id res chain seq x y z
N ASN B 39 -6.96 -2.26 -9.92
CA ASN B 39 -5.78 -1.71 -10.62
C ASN B 39 -4.55 -2.57 -10.34
N PRO B 40 -4.71 -3.86 -10.49
CA PRO B 40 -3.60 -4.84 -10.26
C PRO B 40 -2.44 -4.63 -11.23
N LYS B 41 -2.72 -4.14 -12.40
CA LYS B 41 -1.63 -3.94 -13.39
C LYS B 41 -0.57 -3.02 -12.79
N SER B 42 -0.96 -1.91 -12.24
CA SER B 42 0.02 -0.98 -11.64
C SER B 42 0.19 -1.27 -10.15
N LEU B 43 -0.85 -1.67 -9.47
CA LEU B 43 -0.72 -1.95 -8.02
C LEU B 43 0.19 -3.16 -7.81
N THR B 44 0.10 -4.15 -8.66
CA THR B 44 0.97 -5.35 -8.47
C THR B 44 2.34 -5.10 -9.09
N ASP B 45 2.46 -4.08 -9.89
CA ASP B 45 3.79 -3.80 -10.53
C ASP B 45 4.87 -3.70 -9.44
N PRO B 46 5.93 -4.47 -9.53
CA PRO B 46 7.01 -4.46 -8.50
C PRO B 46 7.74 -3.13 -8.44
N LYS B 47 7.87 -2.46 -9.56
CA LYS B 47 8.54 -1.14 -9.56
C LYS B 47 7.67 -0.16 -8.79
N LEU B 48 6.38 -0.23 -9.00
CA LEU B 48 5.50 0.68 -8.26
C LEU B 48 5.48 0.28 -6.80
N LEU B 49 5.40 -0.99 -6.53
CA LEU B 49 5.40 -1.43 -5.12
C LEU B 49 6.72 -1.06 -4.46
N LYS B 50 7.80 -1.18 -5.18
CA LYS B 50 9.12 -0.82 -4.60
C LYS B 50 9.10 0.65 -4.22
N ASN B 51 8.53 1.48 -5.05
CA ASN B 51 8.44 2.93 -4.72
C ASN B 51 7.11 3.24 -4.05
N ILE B 52 7.09 3.31 -2.75
CA ILE B 52 5.82 3.60 -2.04
C ILE B 52 5.24 4.90 -2.56
N PRO B 53 6.03 5.95 -2.73
CA PRO B 53 5.51 7.25 -3.24
C PRO B 53 4.79 7.08 -4.59
N MET B 54 5.43 6.46 -5.56
CA MET B 54 4.76 6.26 -6.86
C MET B 54 3.55 5.36 -6.64
N TRP B 55 3.69 4.37 -5.80
CA TRP B 55 2.53 3.47 -5.53
C TRP B 55 1.37 4.32 -5.01
N LEU B 56 1.65 5.20 -4.10
CA LEU B 56 0.56 6.08 -3.59
C LEU B 56 0.06 7.00 -4.70
N LYS B 57 0.97 7.51 -5.49
CA LYS B 57 0.54 8.40 -6.61
C LYS B 57 -0.38 7.61 -7.54
N SER B 58 -0.07 6.36 -7.77
CA SER B 58 -0.96 5.55 -8.65
C SER B 58 -2.36 5.54 -8.04
N LEU B 59 -2.45 5.32 -6.76
CA LEU B 59 -3.79 5.30 -6.09
C LEU B 59 -4.40 6.70 -6.13
N ARG B 60 -3.56 7.71 -6.05
CA ARG B 60 -4.03 9.14 -6.06
C ARG B 60 -4.20 9.63 -4.61
N LEU B 61 -3.63 8.91 -3.68
CA LEU B 61 -3.75 9.33 -2.24
C LEU B 61 -2.40 9.87 -1.77
N HIS B 62 -1.57 10.31 -2.68
CA HIS B 62 -0.23 10.85 -2.30
C HIS B 62 -0.35 11.66 -1.00
N LYS B 63 -1.54 12.08 -0.67
CA LYS B 63 -1.72 12.87 0.58
C LYS B 63 -1.05 12.13 1.74
N TYR B 64 -1.19 10.84 1.81
CA TYR B 64 -0.55 10.08 2.91
C TYR B 64 0.88 9.68 2.53
N SER B 65 1.23 9.78 1.28
CA SER B 65 2.60 9.37 0.84
C SER B 65 3.65 10.09 1.69
N ASP B 66 3.40 11.30 2.06
CA ASP B 66 4.38 12.05 2.88
C ASP B 66 4.54 11.35 4.24
N ALA B 67 3.51 10.69 4.71
CA ALA B 67 3.61 10.01 6.03
C ALA B 67 3.87 8.52 5.86
N LEU B 68 3.13 7.87 5.01
CA LEU B 68 3.33 6.40 4.80
C LEU B 68 4.71 6.13 4.21
N SER B 69 5.17 6.97 3.33
CA SER B 69 6.52 6.74 2.72
C SER B 69 7.56 6.57 3.82
N GLY B 70 8.66 5.94 3.52
CA GLY B 70 9.72 5.72 4.55
C GLY B 70 9.58 4.31 5.14
N THR B 71 8.51 3.62 4.81
CA THR B 71 8.32 2.24 5.34
C THR B 71 7.93 1.31 4.19
N PRO B 72 8.50 0.13 4.11
CA PRO B 72 8.20 -0.84 3.01
C PRO B 72 6.77 -1.40 3.06
N TRP B 73 6.21 -1.68 1.92
CA TRP B 73 4.83 -2.20 1.87
C TRP B 73 4.78 -3.58 2.52
N ILE B 74 5.90 -4.26 2.56
CA ILE B 74 5.94 -5.62 3.16
C ILE B 74 5.57 -5.51 4.63
N GLU B 75 6.09 -4.54 5.33
CA GLU B 75 5.71 -4.37 6.74
C GLU B 75 4.47 -3.47 6.81
N LEU B 76 4.34 -2.57 5.89
CA LEU B 76 3.15 -1.68 5.93
C LEU B 76 1.89 -2.53 5.85
N ILE B 77 1.86 -3.51 4.98
CA ILE B 77 0.61 -4.34 4.88
C ILE B 77 0.33 -5.00 6.23
N TYR B 78 1.29 -4.98 7.13
CA TYR B 78 1.07 -5.61 8.47
C TYR B 78 0.48 -4.59 9.44
N LEU B 79 0.26 -3.38 8.99
CA LEU B 79 -0.31 -2.35 9.91
C LEU B 79 -1.83 -2.51 9.98
N ASP B 80 -2.40 -2.35 11.15
CA ASP B 80 -3.89 -2.49 11.30
C ASP B 80 -4.57 -1.14 11.04
N ASP B 81 -5.85 -1.15 10.83
CA ASP B 81 -6.59 0.12 10.58
C ASP B 81 -6.45 1.04 11.80
N GLU B 82 -6.44 0.50 12.98
CA GLU B 82 -6.30 1.35 14.19
C GLU B 82 -4.90 1.99 14.16
N THR B 83 -3.91 1.22 13.80
CA THR B 83 -2.54 1.79 13.72
C THR B 83 -2.54 2.87 12.63
N LEU B 84 -3.15 2.58 11.51
CA LEU B 84 -3.18 3.61 10.43
C LEU B 84 -3.91 4.84 10.95
N GLU B 85 -5.00 4.66 11.64
CA GLU B 85 -5.73 5.83 12.18
C GLU B 85 -4.85 6.56 13.19
N LYS B 86 -4.20 5.84 14.06
CA LYS B 86 -3.31 6.51 15.05
C LYS B 86 -2.19 7.24 14.31
N LYS B 87 -1.64 6.62 13.31
CA LYS B 87 -0.55 7.28 12.53
C LYS B 87 -1.11 8.51 11.81
N GLY B 88 -2.25 8.37 11.20
CA GLY B 88 -2.84 9.53 10.49
C GLY B 88 -3.98 9.07 9.57
N VAL B 89 -3.97 9.51 8.35
CA VAL B 89 -5.04 9.13 7.35
C VAL B 89 -6.36 8.88 8.09
N LEU B 90 -6.88 9.88 8.76
CA LEU B 90 -8.16 9.68 9.48
C LEU B 90 -9.27 9.36 8.49
N ALA B 91 -9.31 10.01 7.35
CA ALA B 91 -10.37 9.73 6.37
C ALA B 91 -10.75 8.24 6.39
N LEU B 92 -11.92 7.95 6.87
CA LEU B 92 -12.36 6.53 6.93
C LEU B 92 -12.41 6.01 5.50
N GLY B 93 -12.94 6.78 4.60
CA GLY B 93 -12.99 6.32 3.19
C GLY B 93 -11.57 5.97 2.76
N ALA B 94 -10.62 6.84 2.98
CA ALA B 94 -9.22 6.53 2.59
C ALA B 94 -8.78 5.25 3.30
N ARG B 95 -9.13 5.11 4.55
CA ARG B 95 -8.75 3.86 5.28
C ARG B 95 -9.43 2.66 4.62
N ARG B 96 -10.64 2.83 4.17
CA ARG B 96 -11.36 1.71 3.52
C ARG B 96 -10.71 1.38 2.17
N LYS B 97 -10.51 2.38 1.35
CA LYS B 97 -9.87 2.12 0.04
C LYS B 97 -8.47 1.57 0.27
N LEU B 98 -7.72 2.18 1.14
CA LEU B 98 -6.36 1.68 1.42
C LEU B 98 -6.47 0.29 2.00
N LEU B 99 -7.43 0.05 2.86
CA LEU B 99 -7.56 -1.31 3.43
C LEU B 99 -7.83 -2.30 2.30
N LYS B 100 -8.73 -1.98 1.41
CA LYS B 100 -9.02 -2.92 0.28
C LYS B 100 -7.76 -3.07 -0.58
N ALA B 101 -7.12 -1.98 -0.92
CA ALA B 101 -5.89 -2.07 -1.74
C ALA B 101 -4.87 -2.96 -1.01
N PHE B 102 -4.65 -2.69 0.24
CA PHE B 102 -3.68 -3.51 1.02
C PHE B 102 -4.20 -4.95 1.06
N GLY B 103 -5.48 -5.13 1.16
CA GLY B 103 -6.01 -6.53 1.19
C GLY B 103 -5.65 -7.20 -0.14
N ILE B 104 -5.85 -6.53 -1.24
CA ILE B 104 -5.49 -7.12 -2.56
C ILE B 104 -3.98 -7.33 -2.61
N VAL B 105 -3.23 -6.38 -2.15
CA VAL B 105 -1.74 -6.52 -2.16
C VAL B 105 -1.34 -7.73 -1.30
N ILE B 106 -1.95 -7.86 -0.15
CA ILE B 106 -1.64 -9.01 0.73
C ILE B 106 -2.04 -10.29 0.01
N ASP B 107 -3.17 -10.26 -0.64
CA ASP B 107 -3.61 -11.47 -1.39
C ASP B 107 -2.57 -11.80 -2.46
N TYR B 108 -2.15 -10.80 -3.21
CA TYR B 108 -1.11 -11.07 -4.23
C TYR B 108 0.16 -11.54 -3.54
N LYS B 109 0.52 -10.94 -2.44
CA LYS B 109 1.74 -11.35 -1.71
C LYS B 109 1.58 -12.82 -1.29
N GLU B 110 0.44 -13.18 -0.80
CA GLU B 110 0.21 -14.59 -0.39
C GLU B 110 0.29 -15.47 -1.64
N ARG B 111 -0.34 -15.06 -2.71
CA ARG B 111 -0.28 -15.86 -3.96
C ARG B 111 1.18 -15.99 -4.39
N ASP B 112 1.96 -14.94 -4.19
CA ASP B 112 3.41 -14.97 -4.60
C ASP B 112 3.53 -14.76 -6.11
N LEU B 113 2.55 -14.14 -6.70
CA LEU B 113 2.60 -13.88 -8.17
C LEU B 113 3.44 -12.62 -8.42
N ILE B 114 3.90 -12.00 -7.38
CA ILE B 114 4.72 -10.77 -7.55
C ILE B 114 6.16 -11.18 -7.90
N ASP B 115 6.74 -10.54 -8.87
CA ASP B 115 8.13 -10.88 -9.26
C ASP B 115 9.07 -10.65 -8.07
N ARG B 116 9.99 -11.55 -7.85
CA ARG B 116 10.94 -11.40 -6.72
C ARG B 116 11.62 -10.04 -6.83
N SER B 117 11.63 -9.46 -8.00
CA SER B 117 12.26 -8.13 -8.17
C SER B 117 11.68 -7.17 -7.11
N ALA B 118 10.49 -7.44 -6.64
CA ALA B 118 9.89 -6.55 -5.61
C ALA B 118 10.74 -6.59 -4.34
N TYR B 119 11.28 -7.74 -4.03
CA TYR B 119 12.13 -7.85 -2.80
C TYR B 119 13.41 -8.62 -3.11
#